data_6G2B
#
_entry.id   6G2B
#
_cell.length_a   43.895
_cell.length_b   47.439
_cell.length_c   64.301
_cell.angle_alpha   90.000
_cell.angle_beta   90.000
_cell.angle_gamma   90.000
#
_symmetry.space_group_name_H-M   'P 21 21 21'
#
loop_
_entity.id
_entity.type
_entity.pdbx_description
1 polymer 'Histone-lysine N-methyltransferase NSD3'
2 non-polymer 4-(3-methyl-5-phenyl-imidazol-4-yl)pyridine
3 water water
#
_entity_poly.entity_id   1
_entity_poly.type   'polypeptide(L)'
_entity_poly.pdbx_seq_one_letter_code
;STGVKFQVGDLVWSKVGTYPWWPCMVSSDPQLEVHTKINTRGAREYHVQFFSNQPERAWVHEKRVREYKGHKQYEELLAE
ATKQASNHSEKQKIRKPRPQRERAQWDIGIAHAEKALKMTREERIEQYTFIYIDKQ
;
_entity_poly.pdbx_strand_id   A
#
# COMPACT_ATOMS: atom_id res chain seq x y z
N VAL A 4 -0.81 -9.25 -14.88
CA VAL A 4 -0.63 -9.27 -13.42
C VAL A 4 0.88 -9.34 -13.07
N LYS A 5 1.35 -8.47 -12.14
CA LYS A 5 2.73 -8.36 -11.68
C LYS A 5 2.84 -8.51 -10.13
N PHE A 6 1.74 -8.37 -9.40
CA PHE A 6 1.70 -8.49 -7.95
C PHE A 6 0.71 -9.53 -7.51
N GLN A 7 1.00 -10.20 -6.39
CA GLN A 7 0.13 -11.24 -5.83
C GLN A 7 -0.18 -10.91 -4.37
N VAL A 8 -1.16 -11.61 -3.79
CA VAL A 8 -1.57 -11.42 -2.39
C VAL A 8 -0.38 -11.55 -1.46
N GLY A 9 -0.23 -10.58 -0.56
CA GLY A 9 0.87 -10.60 0.40
C GLY A 9 2.10 -9.85 -0.04
N ASP A 10 2.16 -9.42 -1.32
CA ASP A 10 3.29 -8.60 -1.78
C ASP A 10 3.25 -7.24 -1.09
N LEU A 11 4.44 -6.73 -0.74
CA LEU A 11 4.54 -5.40 -0.14
C LEU A 11 4.78 -4.42 -1.27
N VAL A 12 3.99 -3.35 -1.27
CA VAL A 12 4.07 -2.32 -2.30
C VAL A 12 3.93 -0.92 -1.70
N TRP A 13 4.38 0.09 -2.45
CA TRP A 13 4.11 1.49 -2.12
C TRP A 13 2.94 1.85 -3.03
N SER A 14 1.95 2.62 -2.55
CA SER A 14 0.83 3.10 -3.39
C SER A 14 0.74 4.62 -3.27
N LYS A 15 0.45 5.30 -4.38
CA LYS A 15 0.29 6.75 -4.41
C LYS A 15 -1.18 6.99 -4.71
N VAL A 16 -1.94 7.40 -3.67
CA VAL A 16 -3.40 7.53 -3.77
C VAL A 16 -3.86 8.91 -3.31
N GLY A 17 -4.75 9.51 -4.10
CA GLY A 17 -5.34 10.81 -3.81
C GLY A 17 -4.31 11.87 -3.47
N THR A 18 -4.49 12.51 -2.31
CA THR A 18 -3.61 13.58 -1.85
C THR A 18 -2.49 13.07 -0.96
N TYR A 19 -2.40 11.76 -0.74
CA TYR A 19 -1.41 11.19 0.18
C TYR A 19 -0.06 10.93 -0.47
N PRO A 20 1.03 10.92 0.34
CA PRO A 20 2.33 10.58 -0.23
C PRO A 20 2.40 9.08 -0.52
N TRP A 21 3.47 8.64 -1.21
CA TRP A 21 3.73 7.21 -1.43
C TRP A 21 3.63 6.52 -0.08
N TRP A 22 2.79 5.48 -0.01
CA TRP A 22 2.46 4.86 1.27
C TRP A 22 2.71 3.36 1.28
N PRO A 23 3.25 2.82 2.39
CA PRO A 23 3.46 1.37 2.48
C PRO A 23 2.15 0.58 2.58
N CYS A 24 2.04 -0.44 1.73
CA CYS A 24 0.85 -1.29 1.63
C CYS A 24 1.18 -2.76 1.54
N MET A 25 0.13 -3.58 1.65
CA MET A 25 0.19 -5.01 1.33
C MET A 25 -0.93 -5.33 0.33
N VAL A 26 -0.59 -6.04 -0.74
CA VAL A 26 -1.61 -6.46 -1.72
C VAL A 26 -2.50 -7.52 -1.05
N SER A 27 -3.82 -7.43 -1.24
CA SER A 27 -4.75 -8.37 -0.63
C SER A 27 -5.92 -8.59 -1.54
N SER A 28 -6.72 -9.62 -1.27
CA SER A 28 -7.94 -9.92 -2.01
C SER A 28 -9.09 -9.03 -1.50
N ASP A 29 -9.84 -8.40 -2.42
CA ASP A 29 -10.99 -7.58 -2.02
C ASP A 29 -11.99 -8.51 -1.29
N PRO A 30 -12.48 -8.09 -0.09
CA PRO A 30 -13.39 -8.96 0.69
C PRO A 30 -14.69 -9.36 -0.01
N GLN A 31 -15.16 -8.52 -0.96
CA GLN A 31 -16.40 -8.73 -1.71
C GLN A 31 -16.16 -9.37 -3.08
N LEU A 32 -15.20 -8.82 -3.87
CA LEU A 32 -14.91 -9.34 -5.21
C LEU A 32 -14.10 -10.63 -5.19
N GLU A 33 -13.36 -10.87 -4.07
CA GLU A 33 -12.51 -12.06 -3.87
C GLU A 33 -11.42 -12.19 -4.94
N VAL A 34 -10.91 -11.03 -5.38
CA VAL A 34 -9.80 -10.88 -6.31
C VAL A 34 -8.87 -9.77 -5.78
N HIS A 35 -7.56 -9.91 -6.05
CA HIS A 35 -6.56 -8.90 -5.63
C HIS A 35 -6.20 -7.95 -6.79
N THR A 36 -6.69 -8.26 -7.98
CA THR A 36 -6.42 -7.45 -9.17
C THR A 36 -7.64 -7.49 -10.09
N LYS A 37 -7.85 -6.41 -10.85
CA LYS A 37 -8.98 -6.34 -11.78
C LYS A 37 -8.71 -5.34 -12.88
N ILE A 38 -9.51 -5.40 -13.94
CA ILE A 38 -9.47 -4.42 -14.99
C ILE A 38 -10.62 -3.47 -14.65
N ASN A 39 -10.32 -2.16 -14.53
CA ASN A 39 -11.33 -1.16 -14.18
C ASN A 39 -12.22 -0.77 -15.37
N THR A 40 -13.20 0.13 -15.10
CA THR A 40 -14.17 0.61 -16.09
C THR A 40 -13.54 1.43 -17.24
N ARG A 41 -12.27 1.82 -17.08
CA ARG A 41 -11.51 2.55 -18.11
C ARG A 41 -10.60 1.57 -18.89
N GLY A 42 -10.60 0.31 -18.48
CA GLY A 42 -9.83 -0.76 -19.11
C GLY A 42 -8.40 -0.91 -18.62
N ALA A 43 -8.08 -0.26 -17.48
CA ALA A 43 -6.73 -0.31 -16.91
C ALA A 43 -6.67 -1.28 -15.73
N ARG A 44 -5.49 -1.90 -15.51
CA ARG A 44 -5.31 -2.81 -14.37
C ARG A 44 -5.18 -2.04 -13.05
N GLU A 45 -5.87 -2.56 -12.02
CA GLU A 45 -5.78 -2.07 -10.65
C GLU A 45 -5.44 -3.22 -9.71
N TYR A 46 -4.87 -2.88 -8.55
CA TYR A 46 -4.54 -3.82 -7.48
C TYR A 46 -5.24 -3.39 -6.22
N HIS A 47 -5.69 -4.38 -5.44
CA HIS A 47 -6.34 -4.15 -4.15
C HIS A 47 -5.29 -4.15 -3.09
N VAL A 48 -5.23 -3.05 -2.30
CA VAL A 48 -4.20 -2.95 -1.27
C VAL A 48 -4.77 -2.62 0.09
N GLN A 49 -4.02 -3.00 1.12
CA GLN A 49 -4.26 -2.58 2.50
C GLN A 49 -3.18 -1.54 2.79
N PHE A 50 -3.53 -0.40 3.40
CA PHE A 50 -2.53 0.58 3.83
C PHE A 50 -2.07 0.18 5.23
N PHE A 51 -0.73 0.14 5.42
CA PHE A 51 -0.18 -0.05 6.75
C PHE A 51 -0.36 1.27 7.47
N SER A 52 -0.96 1.25 8.67
CA SER A 52 -1.31 2.45 9.42
C SER A 52 -1.95 2.07 10.76
N ASN A 53 -2.16 3.04 11.66
CA ASN A 53 -2.92 2.83 12.89
C ASN A 53 -4.43 2.87 12.54
N GLN A 54 -4.76 3.30 11.29
CA GLN A 54 -6.13 3.43 10.79
C GLN A 54 -6.29 2.44 9.62
N PRO A 55 -6.76 1.20 9.85
CA PRO A 55 -6.85 0.24 8.72
C PRO A 55 -7.81 0.68 7.62
N GLU A 56 -7.34 0.69 6.38
CA GLU A 56 -8.12 1.10 5.21
C GLU A 56 -7.60 0.31 4.04
N ARG A 57 -8.43 0.22 3.00
CA ARG A 57 -8.09 -0.51 1.78
C ARG A 57 -8.44 0.35 0.58
N ALA A 58 -7.92 -0.02 -0.60
CA ALA A 58 -8.25 0.70 -1.83
C ALA A 58 -7.89 -0.07 -3.06
N TRP A 59 -8.57 0.25 -4.16
CA TRP A 59 -8.21 -0.25 -5.48
C TRP A 59 -7.32 0.82 -6.08
N VAL A 60 -6.13 0.43 -6.54
CA VAL A 60 -5.11 1.37 -7.03
C VAL A 60 -4.65 1.02 -8.44
N HIS A 61 -4.63 2.04 -9.34
CA HIS A 61 -4.15 1.90 -10.72
C HIS A 61 -2.72 1.37 -10.66
N GLU A 62 -2.39 0.36 -11.50
CA GLU A 62 -1.06 -0.25 -11.57
C GLU A 62 0.10 0.76 -11.71
N LYS A 63 -0.13 1.90 -12.38
CA LYS A 63 0.89 2.95 -12.54
C LYS A 63 1.23 3.65 -11.21
N ARG A 64 0.34 3.50 -10.21
CA ARG A 64 0.49 4.11 -8.88
C ARG A 64 0.93 3.10 -7.80
N VAL A 65 1.43 1.94 -8.23
CA VAL A 65 1.90 0.88 -7.33
C VAL A 65 3.35 0.57 -7.66
N ARG A 66 4.21 0.37 -6.63
CA ARG A 66 5.62 0.04 -6.84
C ARG A 66 6.02 -1.03 -5.84
N GLU A 67 6.95 -1.92 -6.19
CA GLU A 67 7.40 -2.91 -5.22
C GLU A 67 8.05 -2.19 -4.00
N TYR A 68 7.74 -2.64 -2.80
CA TYR A 68 8.32 -2.09 -1.58
C TYR A 68 9.58 -2.92 -1.27
N LYS A 69 10.75 -2.30 -1.44
CA LYS A 69 12.06 -2.90 -1.17
C LYS A 69 12.60 -2.51 0.21
N GLY A 70 12.07 -1.41 0.76
CA GLY A 70 12.48 -0.88 2.05
C GLY A 70 12.14 0.58 2.19
N HIS A 71 12.04 1.08 3.42
CA HIS A 71 11.63 2.47 3.67
C HIS A 71 12.54 3.53 3.00
N LYS A 72 13.85 3.23 2.85
CA LYS A 72 14.79 4.19 2.23
C LYS A 72 14.51 4.44 0.74
N GLN A 73 13.67 3.60 0.13
CA GLN A 73 13.27 3.74 -1.27
C GLN A 73 12.40 4.99 -1.49
N TYR A 74 11.85 5.58 -0.41
CA TYR A 74 10.97 6.76 -0.50
C TYR A 74 11.60 7.89 -1.35
N GLU A 75 12.90 8.18 -1.14
CA GLU A 75 13.65 9.20 -1.90
C GLU A 75 13.60 8.96 -3.43
N GLU A 76 13.74 7.67 -3.84
CA GLU A 76 13.74 7.24 -5.24
C GLU A 76 12.37 7.48 -5.87
N LEU A 77 11.31 7.30 -5.09
CA LEU A 77 9.95 7.51 -5.57
C LEU A 77 9.70 8.99 -5.85
N LEU A 78 10.22 9.87 -4.98
CA LEU A 78 10.11 11.33 -5.15
C LEU A 78 10.90 11.76 -6.38
N ALA A 79 12.02 11.07 -6.68
CA ALA A 79 12.87 11.32 -7.84
C ALA A 79 12.17 11.02 -9.18
N GLU A 80 11.19 10.07 -9.19
CA GLU A 80 10.41 9.70 -10.39
C GLU A 80 9.70 10.92 -11.00
N ALA A 81 9.16 11.80 -10.14
CA ALA A 81 8.42 13.00 -10.53
C ALA A 81 9.36 14.09 -11.01
N GLN A 92 17.07 24.61 -8.24
CA GLN A 92 16.86 24.10 -6.89
C GLN A 92 15.94 22.90 -6.88
N LYS A 93 16.13 21.99 -5.89
CA LYS A 93 15.27 20.85 -5.67
C LYS A 93 14.05 21.40 -4.97
N ILE A 94 12.89 20.86 -5.30
CA ILE A 94 11.63 21.28 -4.70
C ILE A 94 11.02 20.10 -3.96
N ARG A 95 10.74 20.29 -2.67
CA ARG A 95 10.15 19.26 -1.83
C ARG A 95 8.89 19.76 -1.16
N LYS A 96 7.86 18.93 -1.17
CA LYS A 96 6.61 19.20 -0.50
C LYS A 96 6.86 19.02 0.99
N PRO A 97 6.35 19.90 1.87
CA PRO A 97 6.54 19.67 3.31
C PRO A 97 5.67 18.50 3.78
N ARG A 98 6.03 17.94 4.92
CA ARG A 98 5.33 16.77 5.45
C ARG A 98 4.45 17.12 6.68
N PRO A 99 3.10 17.21 6.51
CA PRO A 99 2.21 17.50 7.66
C PRO A 99 2.34 16.50 8.80
N GLN A 100 2.36 17.01 10.06
CA GLN A 100 2.60 16.27 11.31
C GLN A 100 1.73 15.02 11.54
N ARG A 101 0.37 15.13 11.57
CA ARG A 101 -0.46 13.94 11.84
C ARG A 101 -0.21 12.89 10.78
N GLU A 102 -0.15 13.32 9.50
CA GLU A 102 0.08 12.44 8.35
C GLU A 102 1.44 11.74 8.48
N ARG A 103 2.50 12.49 8.81
CA ARG A 103 3.85 11.93 9.00
C ARG A 103 3.85 10.87 10.12
N ALA A 104 3.12 11.12 11.23
CA ALA A 104 2.99 10.18 12.36
C ALA A 104 2.35 8.85 11.94
N GLN A 105 1.25 8.90 11.11
CA GLN A 105 0.59 7.70 10.60
C GLN A 105 1.54 6.96 9.63
N TRP A 106 2.25 7.74 8.76
CA TRP A 106 3.22 7.19 7.80
C TRP A 106 4.35 6.47 8.53
N ASP A 107 4.89 7.08 9.61
CA ASP A 107 5.94 6.43 10.39
C ASP A 107 5.42 5.12 10.99
N ILE A 108 4.15 5.09 11.45
CA ILE A 108 3.54 3.85 12.01
C ILE A 108 3.46 2.79 10.89
N GLY A 109 2.95 3.20 9.74
CA GLY A 109 2.84 2.34 8.58
C GLY A 109 4.18 1.73 8.16
N ILE A 110 5.23 2.59 8.14
CA ILE A 110 6.58 2.15 7.79
C ILE A 110 7.12 1.14 8.78
N ALA A 111 6.90 1.38 10.10
CA ALA A 111 7.31 0.45 11.13
C ALA A 111 6.68 -0.94 10.89
N HIS A 112 5.38 -0.98 10.52
CA HIS A 112 4.74 -2.27 10.22
C HIS A 112 5.30 -2.89 8.95
N ALA A 113 5.52 -2.06 7.91
CA ALA A 113 6.04 -2.57 6.64
C ALA A 113 7.46 -3.14 6.80
N GLU A 114 8.28 -2.53 7.65
CA GLU A 114 9.65 -3.00 7.92
C GLU A 114 9.63 -4.34 8.66
N LYS A 115 8.64 -4.53 9.54
CA LYS A 115 8.41 -5.77 10.27
C LYS A 115 7.93 -6.84 9.24
N ALA A 116 6.99 -6.47 8.33
CA ALA A 116 6.44 -7.36 7.30
C ALA A 116 7.50 -7.81 6.29
N LEU A 117 8.46 -6.93 6.00
CA LEU A 117 9.54 -7.23 5.05
C LEU A 117 10.42 -8.37 5.57
N LYS A 118 10.49 -8.55 6.92
CA LYS A 118 11.28 -9.61 7.59
C LYS A 118 10.55 -10.96 7.66
N MET A 119 9.28 -10.98 7.24
CA MET A 119 8.43 -12.17 7.24
C MET A 119 8.40 -12.79 5.84
N THR A 120 7.92 -14.02 5.74
CA THR A 120 7.69 -14.63 4.43
C THR A 120 6.30 -14.12 3.98
N ARG A 121 5.97 -14.29 2.69
CA ARG A 121 4.66 -13.89 2.16
C ARG A 121 3.49 -14.57 2.92
N GLU A 122 3.61 -15.88 3.26
CA GLU A 122 2.59 -16.59 4.04
C GLU A 122 2.47 -16.02 5.46
N GLU A 123 3.61 -15.66 6.09
CA GLU A 123 3.59 -15.07 7.43
C GLU A 123 2.91 -13.70 7.41
N ARG A 124 3.23 -12.86 6.40
CA ARG A 124 2.62 -11.52 6.24
C ARG A 124 1.11 -11.67 6.07
N ILE A 125 0.68 -12.63 5.22
CA ILE A 125 -0.76 -12.83 4.98
C ILE A 125 -1.47 -13.13 6.31
N GLU A 126 -0.92 -14.02 7.12
CA GLU A 126 -1.49 -14.38 8.40
C GLU A 126 -1.49 -13.20 9.39
N GLN A 127 -0.38 -12.47 9.48
CA GLN A 127 -0.23 -11.38 10.43
C GLN A 127 -1.07 -10.15 10.13
N TYR A 128 -1.21 -9.81 8.83
CA TYR A 128 -1.80 -8.54 8.44
C TYR A 128 -3.12 -8.53 7.71
N THR A 129 -3.59 -9.65 7.10
CA THR A 129 -4.84 -9.56 6.37
C THR A 129 -5.99 -9.10 7.25
N PHE A 130 -6.67 -8.02 6.84
CA PHE A 130 -7.78 -7.50 7.63
C PHE A 130 -8.95 -8.43 7.75
N ILE A 131 -9.69 -8.24 8.86
CA ILE A 131 -10.94 -8.89 9.18
C ILE A 131 -11.99 -7.83 8.85
N TYR A 132 -12.94 -8.17 7.99
CA TYR A 132 -14.00 -7.27 7.57
C TYR A 132 -15.31 -7.67 8.23
N ILE A 133 -15.99 -6.69 8.83
CA ILE A 133 -17.25 -6.90 9.54
C ILE A 133 -18.31 -6.02 8.88
N ASP A 134 -19.35 -6.66 8.33
CA ASP A 134 -20.45 -5.95 7.67
C ASP A 134 -21.19 -5.06 8.67
N LYS A 135 -21.62 -3.86 8.21
CA LYS A 135 -22.41 -2.93 9.01
C LYS A 135 -23.76 -3.63 9.25
N GLN A 136 -24.14 -3.81 10.52
CA GLN A 136 -25.36 -4.51 10.90
C GLN A 136 -26.59 -3.61 10.89
#